data_7EJB
#
_entry.id   7EJB
#
_cell.length_a   100.820
_cell.length_b   100.820
_cell.length_c   70.300
_cell.angle_alpha   90.000
_cell.angle_beta   90.000
_cell.angle_gamma   120.000
#
_symmetry.space_group_name_H-M   'P 32 1 2'
#
_entity_poly.entity_id   1
_entity_poly.type   'polypeptide(L)'
_entity_poly.pdbx_seq_one_letter_code
;MHHHHHHSSGVDLGTENLYFQMNDDAELYRNSSSMERRDALNSLTEYLPKFKWKESKEKILDIGCADGSVTNIISSCCPT
DFELFEACDVNVKSVKYATEHYGTSKMRFRVMDIESDLPKEMKGKFDHVFSFYTLHWIENQEKAFQNIYDLTADDGECFL
TLLAQMPVFNLFDALKHTEKWRHWLRYIKNFISPYYETSDPDVVIELLLKRVGFRYVDVRCRQKKFEFYDLKSFRNLLEA
VSPFKVGQELQEELIDDVMEVAKEMRIIDTQNSTAKLIYNLVVIHCRK
;
_entity_poly.pdbx_strand_id   A
#
# COMPACT_ATOMS: atom_id res chain seq x y z
N ASN A 31 17.84 3.46 4.37
CA ASN A 31 16.59 2.93 5.01
C ASN A 31 15.46 3.93 4.77
N SER A 32 15.01 4.04 3.51
CA SER A 32 13.99 5.03 3.03
C SER A 32 12.70 4.31 2.64
N SER A 33 11.76 4.22 3.58
CA SER A 33 10.32 3.89 3.35
C SER A 33 9.52 5.21 3.30
N SER A 34 10.21 6.32 3.00
CA SER A 34 9.78 7.72 3.24
C SER A 34 8.53 8.07 2.42
N MET A 35 8.47 7.67 1.15
CA MET A 35 7.38 8.06 0.23
C MET A 35 6.06 7.43 0.69
N GLU A 36 6.11 6.22 1.27
CA GLU A 36 4.93 5.56 1.89
C GLU A 36 4.46 6.36 3.10
N ARG A 37 5.39 6.74 3.99
CA ARG A 37 5.12 7.50 5.24
C ARG A 37 4.57 8.88 4.89
N ARG A 38 5.29 9.63 4.06
CA ARG A 38 4.96 11.01 3.64
C ARG A 38 3.53 11.04 3.09
N ASP A 39 3.22 10.10 2.19
CA ASP A 39 1.91 10.02 1.48
C ASP A 39 0.81 9.61 2.46
N ALA A 40 1.09 8.67 3.36
CA ALA A 40 0.16 8.21 4.43
C ALA A 40 -0.22 9.40 5.30
N LEU A 41 0.79 10.15 5.74
CA LEU A 41 0.64 11.27 6.71
C LEU A 41 -0.11 12.44 6.06
N ASN A 42 0.26 12.81 4.83
CA ASN A 42 -0.35 13.94 4.08
C ASN A 42 -1.82 13.62 3.80
N SER A 43 -2.14 12.36 3.48
CA SER A 43 -3.51 11.87 3.16
C SER A 43 -4.37 11.89 4.42
N LEU A 44 -3.87 11.31 5.53
CA LEU A 44 -4.60 11.18 6.81
C LEU A 44 -5.01 12.58 7.31
N THR A 45 -4.03 13.46 7.49
CA THR A 45 -4.19 14.85 8.00
C THR A 45 -5.26 15.60 7.18
N GLU A 46 -5.14 15.53 5.85
CA GLU A 46 -6.02 16.23 4.89
C GLU A 46 -7.48 15.77 5.04
N TYR A 47 -7.69 14.47 5.31
CA TYR A 47 -9.02 13.80 5.31
C TYR A 47 -9.53 13.56 6.73
N LEU A 48 -8.75 13.85 7.77
CA LEU A 48 -9.17 13.74 9.20
C LEU A 48 -10.44 14.55 9.43
N PRO A 49 -10.47 15.86 9.08
CA PRO A 49 -11.62 16.71 9.40
C PRO A 49 -12.88 16.37 8.60
N LYS A 50 -12.81 15.38 7.71
CA LYS A 50 -13.95 14.90 6.87
C LYS A 50 -14.55 13.61 7.45
N PHE A 51 -14.07 13.14 8.61
CA PHE A 51 -14.54 11.89 9.27
C PHE A 51 -15.60 12.20 10.32
N LYS A 52 -16.36 11.17 10.70
CA LYS A 52 -17.40 11.19 11.77
C LYS A 52 -17.14 10.01 12.71
N TRP A 53 -17.09 10.27 14.02
CA TRP A 53 -16.76 9.27 15.07
C TRP A 53 -17.99 8.97 15.93
N LYS A 54 -18.17 7.70 16.31
CA LYS A 54 -19.22 7.22 17.25
C LYS A 54 -18.76 7.60 18.66
N GLU A 55 -19.69 7.71 19.60
CA GLU A 55 -19.47 8.37 20.92
C GLU A 55 -18.42 7.59 21.74
N SER A 56 -18.31 6.27 21.56
CA SER A 56 -17.43 5.39 22.36
C SER A 56 -17.32 3.98 21.77
N LYS A 57 -16.46 3.16 22.37
CA LYS A 57 -16.23 1.71 22.03
C LYS A 57 -15.97 1.56 20.53
N GLU A 58 -14.97 2.29 20.01
CA GLU A 58 -14.62 2.29 18.57
C GLU A 58 -13.55 1.22 18.33
N LYS A 59 -13.73 0.40 17.28
CA LYS A 59 -12.76 -0.62 16.83
C LYS A 59 -12.15 -0.16 15.50
N ILE A 60 -10.85 0.13 15.49
CA ILE A 60 -10.10 0.67 14.32
C ILE A 60 -9.10 -0.39 13.84
N LEU A 61 -9.04 -0.63 12.52
CA LEU A 61 -8.12 -1.61 11.87
C LEU A 61 -7.28 -0.89 10.81
N ASP A 62 -5.99 -1.22 10.72
CA ASP A 62 -5.05 -0.69 9.70
C ASP A 62 -4.42 -1.85 8.94
N ILE A 63 -4.72 -1.97 7.64
CA ILE A 63 -4.24 -3.09 6.76
C ILE A 63 -2.84 -2.74 6.25
N GLY A 64 -1.91 -3.70 6.30
CA GLY A 64 -0.51 -3.53 5.85
C GLY A 64 0.24 -2.54 6.73
N CYS A 65 0.21 -2.75 8.05
CA CYS A 65 0.80 -1.86 9.09
C CYS A 65 2.31 -1.69 8.86
N ALA A 66 3.04 -2.79 8.65
CA ALA A 66 4.52 -2.85 8.56
C ALA A 66 5.11 -2.24 9.84
N ASP A 67 5.81 -1.10 9.73
CA ASP A 67 6.30 -0.30 10.90
C ASP A 67 5.13 0.49 11.48
N GLY A 68 5.03 0.54 12.81
CA GLY A 68 3.94 1.22 13.53
C GLY A 68 4.06 2.73 13.48
N SER A 69 5.18 3.26 12.97
CA SER A 69 5.41 4.71 12.71
C SER A 69 4.15 5.35 12.13
N VAL A 70 3.49 4.68 11.17
CA VAL A 70 2.18 5.12 10.59
C VAL A 70 1.06 4.83 11.60
N THR A 71 0.99 3.63 12.17
CA THR A 71 -0.10 3.19 13.09
C THR A 71 -0.09 4.05 14.36
N ASN A 72 1.11 4.44 14.82
CA ASN A 72 1.34 5.24 16.06
C ASN A 72 0.84 6.68 15.84
N ILE A 73 1.11 7.26 14.67
CA ILE A 73 0.65 8.64 14.34
C ILE A 73 -0.87 8.59 14.08
N ILE A 74 -1.36 7.54 13.42
CA ILE A 74 -2.82 7.33 13.19
C ILE A 74 -3.54 7.43 14.53
N SER A 75 -3.11 6.64 15.52
CA SER A 75 -3.74 6.50 16.86
C SER A 75 -3.71 7.84 17.60
N SER A 76 -2.58 8.54 17.58
CA SER A 76 -2.40 9.90 18.17
C SER A 76 -3.32 10.91 17.46
N CYS A 77 -3.39 10.83 16.13
CA CYS A 77 -4.11 11.78 15.24
C CYS A 77 -5.62 11.57 15.30
N CYS A 78 -6.09 10.33 15.46
CA CYS A 78 -7.53 9.98 15.57
C CYS A 78 -8.08 10.50 16.90
N PRO A 79 -8.97 11.53 16.89
CA PRO A 79 -9.47 12.15 18.11
C PRO A 79 -10.77 11.50 18.61
N THR A 80 -10.68 10.26 19.10
CA THR A 80 -11.83 9.44 19.55
C THR A 80 -11.36 8.41 20.58
N ASP A 81 -12.30 7.71 21.23
CA ASP A 81 -12.03 6.66 22.23
C ASP A 81 -12.06 5.29 21.55
N PHE A 82 -10.89 4.63 21.50
CA PHE A 82 -10.73 3.19 21.17
C PHE A 82 -10.05 2.53 22.38
N GLU A 83 -10.50 2.92 23.58
CA GLU A 83 -9.80 2.70 24.89
C GLU A 83 -8.67 1.69 24.71
N LEU A 84 -9.00 0.46 24.29
CA LEU A 84 -8.05 -0.68 24.14
C LEU A 84 -8.31 -1.44 22.83
N PHE A 85 -8.69 -0.75 21.75
CA PHE A 85 -9.06 -1.37 20.43
C PHE A 85 -8.46 -0.59 19.25
N GLU A 86 -7.21 -0.91 18.88
CA GLU A 86 -6.59 -0.54 17.59
C GLU A 86 -5.85 -1.77 17.05
N ALA A 87 -6.49 -2.52 16.13
CA ALA A 87 -5.93 -3.72 15.48
C ALA A 87 -5.26 -3.31 14.16
N CYS A 88 -4.32 -4.12 13.67
CA CYS A 88 -3.56 -3.87 12.41
C CYS A 88 -2.73 -5.13 12.05
N ASP A 89 -2.34 -5.28 10.78
CA ASP A 89 -1.81 -6.56 10.24
C ASP A 89 -0.85 -6.33 9.06
N VAL A 90 -0.13 -7.39 8.70
CA VAL A 90 0.83 -7.50 7.56
C VAL A 90 1.11 -9.00 7.35
N ASN A 91 1.50 -9.42 6.15
CA ASN A 91 1.77 -10.86 5.83
C ASN A 91 3.24 -11.19 6.12
N VAL A 92 4.14 -10.20 6.10
CA VAL A 92 5.57 -10.33 6.50
C VAL A 92 5.65 -10.25 8.04
N LYS A 93 5.82 -11.40 8.70
CA LYS A 93 5.79 -11.53 10.18
C LYS A 93 7.14 -11.11 10.79
N SER A 94 8.13 -10.72 9.97
CA SER A 94 9.44 -10.19 10.42
C SER A 94 9.25 -8.74 10.91
N VAL A 95 8.75 -7.85 10.03
CA VAL A 95 8.37 -6.45 10.40
C VAL A 95 7.31 -6.52 11.52
N LYS A 96 6.36 -7.45 11.40
CA LYS A 96 5.20 -7.59 12.34
C LYS A 96 5.71 -7.64 13.78
N TYR A 97 6.63 -8.58 14.09
CA TYR A 97 7.15 -8.82 15.46
C TYR A 97 7.91 -7.58 15.96
N ALA A 98 8.82 -7.03 15.14
CA ALA A 98 9.57 -5.79 15.44
C ALA A 98 8.57 -4.66 15.76
N THR A 99 7.56 -4.50 14.90
CA THR A 99 6.44 -3.52 15.05
C THR A 99 5.60 -3.88 16.28
N GLU A 100 5.26 -5.16 16.44
CA GLU A 100 4.53 -5.72 17.62
C GLU A 100 5.33 -5.40 18.90
N HIS A 101 6.64 -5.63 18.87
CA HIS A 101 7.59 -5.42 19.99
C HIS A 101 7.59 -3.94 20.40
N TYR A 102 7.49 -3.02 19.43
CA TYR A 102 7.48 -1.55 19.65
C TYR A 102 6.04 -1.06 19.89
N GLY A 103 5.06 -1.72 19.26
CA GLY A 103 3.62 -1.49 19.51
C GLY A 103 3.23 -1.97 20.89
N THR A 104 2.63 -1.10 21.70
CA THR A 104 2.31 -1.35 23.14
C THR A 104 1.05 -2.20 23.24
N SER A 105 0.60 -2.48 24.47
CA SER A 105 -0.74 -3.06 24.78
C SER A 105 -1.81 -2.08 24.32
N LYS A 106 -3.09 -2.43 24.47
CA LYS A 106 -4.26 -1.59 24.08
C LYS A 106 -4.28 -1.45 22.55
N MET A 107 -3.53 -2.30 21.85
CA MET A 107 -3.16 -2.17 20.41
C MET A 107 -2.60 -3.52 19.94
N ARG A 108 -3.46 -4.40 19.39
CA ARG A 108 -3.09 -5.79 19.03
C ARG A 108 -2.62 -5.83 17.56
N PHE A 109 -1.44 -6.42 17.34
CA PHE A 109 -0.80 -6.65 16.02
C PHE A 109 -0.86 -8.14 15.71
N ARG A 110 -1.10 -8.51 14.44
CA ARG A 110 -1.18 -9.94 14.03
C ARG A 110 -0.88 -10.08 12.53
N VAL A 111 -0.51 -11.30 12.12
CA VAL A 111 -0.18 -11.66 10.71
C VAL A 111 -1.51 -11.90 9.98
N MET A 112 -1.69 -11.28 8.81
CA MET A 112 -2.91 -11.47 7.97
C MET A 112 -2.68 -10.90 6.57
N ASP A 113 -3.10 -11.64 5.55
CA ASP A 113 -3.27 -11.16 4.15
C ASP A 113 -4.76 -10.84 3.97
N ILE A 114 -5.07 -9.70 3.36
CA ILE A 114 -6.46 -9.26 3.02
C ILE A 114 -6.87 -9.91 1.69
N GLU A 115 -5.94 -10.58 1.03
CA GLU A 115 -6.16 -11.39 -0.20
C GLU A 115 -6.50 -12.84 0.17
N SER A 116 -6.34 -13.22 1.44
CA SER A 116 -6.78 -14.52 2.01
C SER A 116 -8.26 -14.44 2.40
N ASP A 117 -8.96 -15.58 2.39
CA ASP A 117 -10.38 -15.68 2.82
C ASP A 117 -10.50 -15.17 4.25
N LEU A 118 -11.58 -14.43 4.56
CA LEU A 118 -11.77 -13.72 5.85
C LEU A 118 -11.90 -14.72 6.98
N PRO A 119 -11.28 -14.45 8.16
CA PRO A 119 -11.74 -15.02 9.41
C PRO A 119 -12.98 -14.23 9.86
N LYS A 120 -14.14 -14.88 9.92
CA LYS A 120 -15.45 -14.26 10.30
C LYS A 120 -15.37 -13.74 11.74
N GLU A 121 -14.40 -14.23 12.52
CA GLU A 121 -14.09 -13.78 13.91
C GLU A 121 -14.21 -12.25 14.03
N MET A 122 -13.87 -11.52 12.96
CA MET A 122 -13.74 -10.03 12.95
C MET A 122 -14.55 -9.42 11.81
N LYS A 123 -15.54 -10.13 11.26
CA LYS A 123 -16.46 -9.58 10.23
C LYS A 123 -17.41 -8.59 10.91
N GLY A 124 -17.60 -7.41 10.31
CA GLY A 124 -18.46 -6.32 10.84
C GLY A 124 -17.96 -5.78 12.17
N LYS A 125 -16.65 -5.90 12.43
CA LYS A 125 -16.02 -5.61 13.75
C LYS A 125 -15.64 -4.13 13.85
N PHE A 126 -15.17 -3.52 12.75
CA PHE A 126 -14.36 -2.27 12.76
C PHE A 126 -15.16 -1.06 12.28
N ASP A 127 -15.23 -0.03 13.13
CA ASP A 127 -15.96 1.25 12.90
C ASP A 127 -15.18 2.14 11.92
N HIS A 128 -13.85 2.00 11.89
CA HIS A 128 -12.93 2.69 10.94
C HIS A 128 -11.85 1.72 10.49
N VAL A 129 -11.58 1.64 9.18
CA VAL A 129 -10.47 0.83 8.61
C VAL A 129 -9.63 1.72 7.68
N PHE A 130 -8.30 1.66 7.84
CA PHE A 130 -7.30 2.36 7.01
C PHE A 130 -6.49 1.34 6.21
N SER A 131 -6.19 1.63 4.94
CA SER A 131 -5.23 0.89 4.11
C SER A 131 -4.47 1.88 3.21
N PHE A 132 -3.33 2.37 3.71
CA PHE A 132 -2.36 3.19 2.95
C PHE A 132 -1.51 2.24 2.10
N TYR A 133 -1.22 2.63 0.84
CA TYR A 133 -0.60 1.76 -0.20
C TYR A 133 0.72 1.21 0.33
N THR A 134 0.94 -0.09 0.12
CA THR A 134 2.03 -0.89 0.73
C THR A 134 3.23 -0.98 -0.24
N LEU A 135 3.04 -0.63 -1.52
CA LEU A 135 4.09 -0.59 -2.58
C LEU A 135 4.50 -2.01 -2.99
N HIS A 136 3.77 -3.03 -2.53
CA HIS A 136 3.77 -4.42 -3.08
C HIS A 136 2.62 -4.53 -4.08
N TRP A 137 2.85 -5.14 -5.25
CA TRP A 137 1.79 -5.35 -6.28
C TRP A 137 0.70 -6.23 -5.69
N ILE A 138 -0.57 -5.78 -5.74
CA ILE A 138 -1.74 -6.54 -5.20
C ILE A 138 -2.25 -7.47 -6.30
N GLU A 139 -2.51 -8.73 -5.92
CA GLU A 139 -2.79 -9.87 -6.84
C GLU A 139 -4.28 -9.87 -7.21
N ASN A 140 -5.16 -9.70 -6.21
CA ASN A 140 -6.64 -9.56 -6.36
C ASN A 140 -7.10 -8.34 -5.57
N GLN A 141 -7.89 -7.46 -6.20
CA GLN A 141 -8.32 -6.15 -5.62
C GLN A 141 -9.78 -6.24 -5.14
N GLU A 142 -10.68 -6.81 -5.96
CA GLU A 142 -12.13 -6.93 -5.64
C GLU A 142 -12.30 -7.85 -4.43
N LYS A 143 -11.42 -8.84 -4.27
CA LYS A 143 -11.35 -9.74 -3.09
C LYS A 143 -11.04 -8.89 -1.85
N ALA A 144 -10.05 -7.99 -1.95
CA ALA A 144 -9.59 -7.09 -0.87
C ALA A 144 -10.69 -6.06 -0.53
N PHE A 145 -11.32 -5.45 -1.54
CA PHE A 145 -12.38 -4.42 -1.37
C PHE A 145 -13.60 -5.03 -0.66
N GLN A 146 -14.00 -6.24 -1.08
CA GLN A 146 -15.11 -7.01 -0.44
C GLN A 146 -14.74 -7.31 1.02
N ASN A 147 -13.50 -7.73 1.26
CA ASN A 147 -12.97 -8.03 2.63
C ASN A 147 -13.03 -6.75 3.48
N ILE A 148 -12.57 -5.61 2.93
CA ILE A 148 -12.64 -4.28 3.60
C ILE A 148 -14.11 -3.99 3.95
N TYR A 149 -15.02 -4.25 3.01
CA TYR A 149 -16.49 -4.05 3.15
C TYR A 149 -17.04 -4.95 4.26
N ASP A 150 -16.59 -6.20 4.34
CA ASP A 150 -17.05 -7.19 5.36
C ASP A 150 -16.47 -6.83 6.73
N LEU A 151 -15.20 -6.37 6.78
CA LEU A 151 -14.49 -5.99 8.02
C LEU A 151 -15.19 -4.81 8.70
N THR A 152 -15.81 -3.92 7.92
CA THR A 152 -16.44 -2.67 8.41
C THR A 152 -17.78 -2.97 9.08
N ALA A 153 -18.03 -2.34 10.23
CA ALA A 153 -19.29 -2.43 11.00
C ALA A 153 -20.42 -1.71 10.25
N ASP A 154 -21.61 -1.64 10.85
CA ASP A 154 -22.79 -0.91 10.31
C ASP A 154 -22.50 0.58 10.40
N ASP A 155 -22.56 1.30 9.27
CA ASP A 155 -22.19 2.73 9.15
C ASP A 155 -20.71 2.91 9.55
N GLY A 156 -19.85 1.98 9.12
CA GLY A 156 -18.40 2.09 9.24
C GLY A 156 -17.83 3.02 8.19
N GLU A 157 -16.67 3.62 8.45
CA GLU A 157 -15.96 4.57 7.54
C GLU A 157 -14.66 3.90 7.07
N CYS A 158 -14.36 4.02 5.77
CA CYS A 158 -13.13 3.48 5.13
C CYS A 158 -12.32 4.62 4.53
N PHE A 159 -11.02 4.67 4.82
CA PHE A 159 -10.03 5.55 4.15
C PHE A 159 -8.89 4.67 3.60
N LEU A 160 -8.91 4.44 2.28
CA LEU A 160 -7.89 3.66 1.53
C LEU A 160 -7.17 4.60 0.56
N THR A 161 -5.88 4.35 0.32
CA THR A 161 -5.10 4.88 -0.83
C THR A 161 -4.42 3.71 -1.54
N LEU A 162 -4.25 3.82 -2.86
CA LEU A 162 -3.49 2.83 -3.67
C LEU A 162 -2.99 3.51 -4.96
N LEU A 163 -2.15 2.80 -5.72
CA LEU A 163 -1.33 3.36 -6.83
C LEU A 163 -1.97 3.00 -8.17
N ALA A 164 -2.22 4.01 -9.02
CA ALA A 164 -2.81 3.89 -10.37
C ALA A 164 -1.71 3.96 -11.43
N GLN A 165 -0.56 4.53 -11.09
CA GLN A 165 0.67 4.55 -11.92
C GLN A 165 1.88 4.62 -10.97
N MET A 166 2.91 3.80 -11.24
CA MET A 166 4.16 3.74 -10.45
C MET A 166 5.26 3.18 -11.33
N PRO A 167 6.22 4.02 -11.79
CA PRO A 167 7.30 3.57 -12.67
C PRO A 167 8.07 2.33 -12.16
N VAL A 168 8.19 2.16 -10.83
CA VAL A 168 8.84 0.98 -10.19
C VAL A 168 8.23 -0.30 -10.78
N PHE A 169 6.90 -0.37 -10.88
CA PHE A 169 6.16 -1.51 -11.47
C PHE A 169 6.51 -1.61 -12.96
N ASN A 170 6.43 -0.51 -13.71
CA ASN A 170 6.84 -0.43 -15.15
C ASN A 170 8.28 -0.94 -15.29
N LEU A 171 9.13 -0.64 -14.30
CA LEU A 171 10.59 -0.91 -14.30
C LEU A 171 10.83 -2.43 -14.23
N PHE A 172 10.37 -3.08 -13.16
CA PHE A 172 10.55 -4.54 -12.90
C PHE A 172 9.87 -5.35 -14.01
N ASP A 173 8.70 -4.90 -14.50
CA ASP A 173 7.94 -5.57 -15.58
C ASP A 173 8.79 -5.65 -16.85
N ALA A 174 9.44 -4.54 -17.21
CA ALA A 174 10.31 -4.41 -18.41
C ALA A 174 11.51 -5.34 -18.30
N LEU A 175 12.10 -5.44 -17.10
CA LEU A 175 13.24 -6.35 -16.79
C LEU A 175 12.79 -7.81 -17.00
N LYS A 176 11.57 -8.14 -16.59
CA LYS A 176 10.95 -9.47 -16.78
C LYS A 176 10.81 -9.77 -18.28
N HIS A 177 11.00 -8.77 -19.15
CA HIS A 177 10.81 -8.86 -20.62
C HIS A 177 12.14 -8.65 -21.38
N THR A 178 13.27 -8.46 -20.70
CA THR A 178 14.62 -8.42 -21.32
C THR A 178 14.99 -9.83 -21.80
N GLU A 179 15.72 -9.94 -22.91
CA GLU A 179 16.14 -11.24 -23.51
C GLU A 179 16.91 -12.07 -22.48
N LYS A 180 17.74 -11.42 -21.65
CA LYS A 180 18.59 -12.07 -20.61
C LYS A 180 17.70 -12.82 -19.61
N TRP A 181 16.61 -12.20 -19.16
CA TRP A 181 15.75 -12.69 -18.03
C TRP A 181 14.42 -13.27 -18.52
N ARG A 182 13.88 -12.79 -19.66
CA ARG A 182 12.49 -13.12 -20.11
C ARG A 182 12.21 -14.60 -19.87
N HIS A 183 13.16 -15.47 -20.26
CA HIS A 183 13.02 -16.95 -20.19
C HIS A 183 12.94 -17.41 -18.74
N TRP A 184 13.88 -17.00 -17.88
CA TRP A 184 14.08 -17.56 -16.52
C TRP A 184 13.01 -17.04 -15.55
N LEU A 185 12.30 -15.95 -15.89
CA LEU A 185 11.24 -15.34 -15.05
C LEU A 185 9.86 -15.56 -15.69
N ARG A 186 9.74 -16.45 -16.67
CA ARG A 186 8.50 -16.67 -17.47
C ARG A 186 7.44 -17.35 -16.60
N TYR A 187 7.85 -18.08 -15.55
CA TYR A 187 6.95 -18.88 -14.67
C TYR A 187 6.41 -18.02 -13.52
N ILE A 188 6.84 -16.76 -13.41
CA ILE A 188 6.28 -15.76 -12.44
C ILE A 188 5.06 -15.09 -13.09
N LYS A 189 4.09 -14.68 -12.28
CA LYS A 189 2.85 -13.97 -12.72
C LYS A 189 3.12 -12.46 -12.71
N ASN A 190 3.09 -11.83 -13.89
CA ASN A 190 3.10 -10.35 -14.07
C ASN A 190 1.99 -9.72 -13.23
N PHE A 191 0.80 -10.32 -13.29
CA PHE A 191 -0.47 -9.89 -12.64
C PHE A 191 -1.03 -8.64 -13.31
N ILE A 192 -2.37 -8.56 -13.33
CA ILE A 192 -3.19 -7.51 -13.99
C ILE A 192 -4.01 -6.80 -12.91
N SER A 193 -4.17 -5.49 -13.04
CA SER A 193 -5.07 -4.65 -12.20
C SER A 193 -6.17 -4.08 -13.08
N PRO A 194 -7.45 -4.19 -12.68
CA PRO A 194 -8.56 -3.63 -13.45
C PRO A 194 -8.61 -2.09 -13.48
N TYR A 195 -7.80 -1.41 -12.64
CA TYR A 195 -7.71 0.07 -12.57
C TYR A 195 -6.28 0.57 -12.84
N TYR A 196 -5.24 -0.21 -12.53
CA TYR A 196 -3.83 0.21 -12.71
C TYR A 196 -3.56 0.53 -14.18
N GLU A 197 -3.02 1.73 -14.43
CA GLU A 197 -2.67 2.25 -15.79
C GLU A 197 -3.84 2.05 -16.75
N THR A 198 -5.05 2.36 -16.28
CA THR A 198 -6.29 2.52 -17.09
C THR A 198 -6.65 4.01 -17.14
N SER A 199 -7.53 4.40 -18.06
CA SER A 199 -8.15 5.75 -18.09
C SER A 199 -9.12 5.88 -16.91
N ASP A 200 -9.27 7.10 -16.40
CA ASP A 200 -10.22 7.47 -15.31
C ASP A 200 -10.29 6.34 -14.29
N PRO A 201 -9.16 5.94 -13.66
CA PRO A 201 -9.16 4.86 -12.68
C PRO A 201 -10.06 5.15 -11.48
N ASP A 202 -10.20 6.43 -11.13
CA ASP A 202 -11.13 6.94 -10.08
C ASP A 202 -12.57 6.53 -10.43
N VAL A 203 -12.96 6.60 -11.70
CA VAL A 203 -14.32 6.21 -12.19
C VAL A 203 -14.47 4.69 -12.08
N VAL A 204 -13.41 3.94 -12.41
CA VAL A 204 -13.41 2.44 -12.38
C VAL A 204 -13.61 1.98 -10.93
N ILE A 205 -12.81 2.51 -10.00
CA ILE A 205 -12.78 2.11 -8.57
C ILE A 205 -14.11 2.50 -7.90
N GLU A 206 -14.66 3.68 -8.23
CA GLU A 206 -15.93 4.20 -7.67
C GLU A 206 -17.08 3.24 -8.03
N LEU A 207 -17.13 2.79 -9.29
CA LEU A 207 -18.15 1.83 -9.79
C LEU A 207 -18.02 0.51 -9.03
N LEU A 208 -16.80 0.01 -8.88
CA LEU A 208 -16.48 -1.28 -8.21
C LEU A 208 -16.91 -1.26 -6.74
N LEU A 209 -16.65 -0.16 -6.02
CA LEU A 209 -16.89 -0.07 -4.56
C LEU A 209 -18.41 -0.01 -4.27
N LYS A 210 -19.19 0.61 -5.16
CA LYS A 210 -20.68 0.66 -5.06
C LYS A 210 -21.27 -0.71 -5.43
N ARG A 211 -20.68 -1.38 -6.42
CA ARG A 211 -21.00 -2.78 -6.81
C ARG A 211 -20.82 -3.68 -5.57
N VAL A 212 -19.79 -3.41 -4.76
CA VAL A 212 -19.48 -4.14 -3.49
C VAL A 212 -20.48 -3.70 -2.41
N GLY A 213 -21.04 -2.50 -2.52
CA GLY A 213 -22.23 -2.06 -1.76
C GLY A 213 -21.98 -0.92 -0.77
N PHE A 214 -20.91 -0.13 -0.97
CA PHE A 214 -20.62 1.07 -0.17
C PHE A 214 -21.62 2.18 -0.54
N ARG A 215 -22.29 2.77 0.45
CA ARG A 215 -23.38 3.76 0.25
C ARG A 215 -22.78 5.13 -0.08
N TYR A 216 -21.74 5.55 0.65
CA TYR A 216 -20.90 6.73 0.31
C TYR A 216 -19.60 6.26 -0.34
N VAL A 217 -19.19 6.92 -1.43
CA VAL A 217 -17.88 6.70 -2.13
C VAL A 217 -17.40 8.04 -2.69
N ASP A 218 -16.23 8.50 -2.26
CA ASP A 218 -15.51 9.68 -2.82
C ASP A 218 -14.10 9.21 -3.22
N VAL A 219 -13.80 9.24 -4.52
CA VAL A 219 -12.50 8.76 -5.09
C VAL A 219 -11.86 9.91 -5.88
N ARG A 220 -10.57 10.16 -5.66
CA ARG A 220 -9.79 11.23 -6.34
C ARG A 220 -8.41 10.69 -6.74
N CYS A 221 -7.86 11.19 -7.85
CA CYS A 221 -6.48 10.97 -8.32
C CYS A 221 -5.58 12.11 -7.80
N ARG A 222 -4.37 11.78 -7.35
CA ARG A 222 -3.37 12.76 -6.84
C ARG A 222 -2.01 12.44 -7.48
N GLN A 223 -1.54 13.30 -8.39
CA GLN A 223 -0.18 13.20 -8.99
C GLN A 223 0.84 13.60 -7.91
N LYS A 224 1.85 12.74 -7.68
CA LYS A 224 2.90 12.93 -6.64
C LYS A 224 4.28 12.92 -7.31
N LYS A 225 5.32 13.20 -6.52
CA LYS A 225 6.73 13.24 -6.96
C LYS A 225 7.62 12.94 -5.74
N PHE A 226 8.49 11.94 -5.85
CA PHE A 226 9.54 11.62 -4.84
C PHE A 226 10.91 11.55 -5.52
N GLU A 227 11.85 12.37 -5.04
CA GLU A 227 13.22 12.52 -5.58
C GLU A 227 14.23 11.77 -4.69
N PHE A 228 15.05 10.92 -5.31
CA PHE A 228 16.28 10.31 -4.72
C PHE A 228 17.49 11.09 -5.25
N TYR A 229 18.28 11.68 -4.34
CA TYR A 229 19.39 12.62 -4.67
C TYR A 229 20.72 11.86 -4.76
N ASP A 230 20.67 10.52 -4.62
CA ASP A 230 21.79 9.60 -4.89
C ASP A 230 21.21 8.25 -5.35
N LEU A 231 21.96 7.50 -6.15
CA LEU A 231 21.50 6.21 -6.74
C LEU A 231 21.54 5.12 -5.67
N LYS A 232 22.34 5.29 -4.62
CA LYS A 232 22.43 4.32 -3.49
C LYS A 232 21.05 4.20 -2.83
N SER A 233 20.39 5.33 -2.57
CA SER A 233 19.05 5.41 -1.92
C SER A 233 17.99 4.74 -2.82
N PHE A 234 18.07 4.94 -4.14
CA PHE A 234 17.17 4.34 -5.15
C PHE A 234 17.35 2.82 -5.15
N ARG A 235 18.58 2.34 -5.29
CA ARG A 235 18.92 0.89 -5.32
C ARG A 235 18.37 0.20 -4.07
N ASN A 236 18.52 0.83 -2.90
CA ASN A 236 18.11 0.28 -1.58
C ASN A 236 16.60 0.08 -1.54
N LEU A 237 15.83 1.01 -2.12
CA LEU A 237 14.36 0.85 -2.32
C LEU A 237 14.13 -0.38 -3.21
N LEU A 238 14.73 -0.37 -4.41
CA LEU A 238 14.57 -1.45 -5.43
C LEU A 238 14.91 -2.81 -4.81
N GLU A 239 15.92 -2.87 -3.94
CA GLU A 239 16.32 -4.11 -3.21
C GLU A 239 15.15 -4.59 -2.34
N ALA A 240 14.60 -3.69 -1.51
CA ALA A 240 13.48 -3.95 -0.57
C ALA A 240 12.22 -4.37 -1.35
N VAL A 241 11.96 -3.73 -2.50
CA VAL A 241 10.68 -3.80 -3.26
C VAL A 241 10.75 -4.97 -4.26
N SER A 242 11.94 -5.38 -4.67
CA SER A 242 12.18 -6.40 -5.74
C SER A 242 11.15 -7.53 -5.63
N PRO A 243 10.29 -7.74 -6.66
CA PRO A 243 9.33 -8.84 -6.63
C PRO A 243 9.96 -10.20 -7.01
N PHE A 244 11.25 -10.19 -7.35
CA PHE A 244 12.01 -11.37 -7.85
C PHE A 244 12.89 -11.92 -6.73
N LYS A 245 12.88 -13.26 -6.58
CA LYS A 245 13.42 -14.01 -5.43
C LYS A 245 14.93 -14.19 -5.64
N VAL A 246 15.29 -14.74 -6.80
CA VAL A 246 16.69 -14.87 -7.31
C VAL A 246 17.54 -15.65 -6.29
N GLY A 247 18.22 -14.96 -5.37
CA GLY A 247 19.20 -15.55 -4.45
C GLY A 247 20.35 -14.60 -4.16
N GLN A 248 20.96 -14.75 -2.97
CA GLN A 248 22.12 -13.95 -2.49
C GLN A 248 23.19 -13.83 -3.59
N GLU A 249 23.39 -14.89 -4.37
CA GLU A 249 24.40 -14.98 -5.46
C GLU A 249 24.10 -13.94 -6.56
N LEU A 250 22.89 -13.98 -7.11
CA LEU A 250 22.49 -13.26 -8.34
C LEU A 250 21.78 -11.93 -8.01
N GLN A 251 21.23 -11.78 -6.79
CA GLN A 251 20.50 -10.57 -6.34
C GLN A 251 21.26 -9.31 -6.77
N GLU A 252 22.53 -9.22 -6.38
CA GLU A 252 23.47 -8.13 -6.75
C GLU A 252 23.35 -7.83 -8.25
N GLU A 253 23.43 -8.87 -9.08
CA GLU A 253 23.43 -8.79 -10.57
C GLU A 253 22.05 -8.36 -11.08
N LEU A 254 20.98 -9.03 -10.60
CA LEU A 254 19.57 -8.76 -11.01
C LEU A 254 19.32 -7.25 -10.96
N ILE A 255 19.64 -6.62 -9.83
CA ILE A 255 19.30 -5.20 -9.52
C ILE A 255 20.26 -4.28 -10.28
N ASP A 256 21.50 -4.69 -10.54
CA ASP A 256 22.44 -3.98 -11.45
C ASP A 256 21.76 -3.78 -12.81
N ASP A 257 21.01 -4.79 -13.29
CA ASP A 257 20.31 -4.78 -14.59
C ASP A 257 19.05 -3.90 -14.50
N VAL A 258 18.32 -3.97 -13.37
CA VAL A 258 17.14 -3.10 -13.09
C VAL A 258 17.58 -1.63 -13.12
N MET A 259 18.72 -1.33 -12.49
CA MET A 259 19.34 0.03 -12.44
C MET A 259 19.69 0.49 -13.86
N GLU A 260 20.23 -0.40 -14.69
CA GLU A 260 20.60 -0.10 -16.10
C GLU A 260 19.33 0.14 -16.92
N VAL A 261 18.27 -0.63 -16.65
CA VAL A 261 16.93 -0.46 -17.29
C VAL A 261 16.37 0.92 -16.89
N ALA A 262 16.49 1.27 -15.61
CA ALA A 262 16.01 2.55 -15.02
C ALA A 262 16.65 3.76 -15.72
N LYS A 263 17.90 3.61 -16.18
CA LYS A 263 18.64 4.67 -16.94
C LYS A 263 18.02 4.81 -18.33
N GLU A 264 17.81 3.70 -19.04
CA GLU A 264 17.17 3.66 -20.38
C GLU A 264 15.79 4.32 -20.30
N MET A 265 15.04 4.03 -19.24
CA MET A 265 13.64 4.50 -19.01
C MET A 265 13.62 5.99 -18.66
N ARG A 266 14.76 6.55 -18.23
CA ARG A 266 14.93 7.96 -17.81
C ARG A 266 14.25 8.18 -16.45
N ILE A 267 14.06 7.11 -15.67
CA ILE A 267 13.63 7.21 -14.23
C ILE A 267 14.84 7.70 -13.42
N ILE A 268 16.04 7.25 -13.80
CA ILE A 268 17.35 7.74 -13.27
C ILE A 268 17.89 8.82 -14.22
N ASP A 269 18.31 9.96 -13.66
CA ASP A 269 19.10 11.00 -14.36
C ASP A 269 20.58 10.59 -14.27
N THR A 270 21.19 10.22 -15.41
CA THR A 270 22.58 9.71 -15.49
C THR A 270 23.58 10.86 -15.27
N GLN A 271 23.20 12.09 -15.65
CA GLN A 271 24.06 13.30 -15.56
C GLN A 271 24.21 13.74 -14.10
N ASN A 272 23.12 13.78 -13.34
CA ASN A 272 23.07 14.29 -11.94
C ASN A 272 23.17 13.15 -10.93
N SER A 273 23.05 11.89 -11.38
CA SER A 273 22.97 10.67 -10.55
C SER A 273 21.81 10.79 -9.55
N THR A 274 20.65 11.24 -10.03
CA THR A 274 19.37 11.29 -9.28
C THR A 274 18.37 10.31 -9.91
N ALA A 275 17.33 9.94 -9.14
CA ALA A 275 16.10 9.28 -9.62
C ALA A 275 14.90 10.07 -9.09
N LYS A 276 13.98 10.46 -9.97
CA LYS A 276 12.71 11.12 -9.60
C LYS A 276 11.57 10.20 -10.03
N LEU A 277 10.72 9.78 -9.08
CA LEU A 277 9.47 9.02 -9.34
C LEU A 277 8.31 10.01 -9.42
N ILE A 278 7.63 10.05 -10.56
CA ILE A 278 6.29 10.72 -10.74
C ILE A 278 5.24 9.61 -10.81
N TYR A 279 4.31 9.58 -9.85
CA TYR A 279 3.31 8.50 -9.69
C TYR A 279 1.92 9.11 -9.42
N ASN A 280 0.88 8.30 -9.65
CA ASN A 280 -0.53 8.65 -9.38
C ASN A 280 -1.04 7.84 -8.19
N LEU A 281 -1.85 8.48 -7.36
CA LEU A 281 -2.32 7.96 -6.04
C LEU A 281 -3.83 8.15 -5.97
N VAL A 282 -4.59 7.05 -5.94
CA VAL A 282 -6.08 7.09 -5.86
C VAL A 282 -6.46 7.11 -4.38
N VAL A 283 -7.18 8.15 -3.95
CA VAL A 283 -7.54 8.41 -2.53
C VAL A 283 -9.03 8.09 -2.35
N ILE A 284 -9.33 7.04 -1.57
CA ILE A 284 -10.68 6.45 -1.40
C ILE A 284 -11.21 6.85 -0.02
N HIS A 285 -12.36 7.54 0.00
CA HIS A 285 -13.16 7.86 1.22
C HIS A 285 -14.57 7.32 0.98
N CYS A 286 -14.95 6.25 1.69
CA CYS A 286 -16.23 5.54 1.51
C CYS A 286 -16.81 5.15 2.87
N ARG A 287 -18.15 5.11 2.97
CA ARG A 287 -18.89 4.71 4.20
C ARG A 287 -19.88 3.59 3.86
N LYS A 288 -20.05 2.65 4.80
CA LYS A 288 -20.91 1.45 4.67
C LYS A 288 -22.39 1.88 4.62
#